data_4YQ1
#
_entry.id   4YQ1
#
_cell.length_a   97.466
_cell.length_b   97.466
_cell.length_c   176.697
_cell.angle_alpha   90.000
_cell.angle_beta   90.000
_cell.angle_gamma   120.000
#
_symmetry.space_group_name_H-M   'H 3 2'
#
loop_
_entity.id
_entity.type
_entity.pdbx_description
1 polymer 'tRNA (guanine-N(1)-)-methyltransferase'
2 non-polymer N-(1-{[(3-tert-butylbenzoyl)amino]methyl}cyclohexyl)-2,1-benzoxazole-4-carboxamide
3 water water
#
_entity_poly.entity_id   1
_entity_poly.type   'polypeptide(L)'
_entity_poly.pdbx_seq_one_letter_code
;GLVPRGSHMWIGVISLFPEMFKAITEFGVTGRAVKHNLLKVECWNPRDFTFDKHKTVDDRPYGGGPGMLMMVQPLRDAIH
TAKAAAGEGAKVIYLSPQGRKLDQGGVTELAQNQKLILVCGRYEGIDERLIQTEIDEEWSIGDYVLTGGELPAMTLIDAV
ARFIPGVLGKQASAEEDSFADGLLDCPHYTRPEVLEGLTVPPVLMSGHHEEIRKWRLKQSLQRTWLRRPELLEGLALTDE
QRKLLKEAQAEHNS
;
_entity_poly.pdbx_strand_id   A
#
# COMPACT_ATOMS: atom_id res chain seq x y z
N GLY A 1 8.52 -25.73 9.46
CA GLY A 1 8.22 -24.31 9.39
C GLY A 1 9.24 -23.45 10.10
N LEU A 2 9.78 -22.45 9.40
CA LEU A 2 10.79 -21.56 9.98
C LEU A 2 10.14 -20.31 10.61
N VAL A 3 8.88 -20.06 10.28
CA VAL A 3 8.18 -18.84 10.69
C VAL A 3 7.25 -19.11 11.89
N PRO A 4 7.33 -18.26 12.94
CA PRO A 4 6.50 -18.45 14.14
C PRO A 4 5.00 -18.40 13.82
N ARG A 5 4.23 -19.17 14.57
CA ARG A 5 2.82 -19.43 14.27
C ARG A 5 1.93 -18.18 14.33
N GLY A 6 2.35 -17.18 15.11
CA GLY A 6 1.52 -16.02 15.31
C GLY A 6 2.01 -14.77 14.60
N SER A 7 2.66 -14.93 13.46
CA SER A 7 3.19 -13.78 12.75
C SER A 7 2.53 -13.58 11.39
N HIS A 8 1.53 -14.40 11.07
CA HIS A 8 0.79 -14.26 9.82
C HIS A 8 -0.03 -12.98 9.85
N MET A 9 -0.33 -12.42 8.69
CA MET A 9 -1.13 -11.20 8.67
C MET A 9 -2.53 -11.49 8.18
N TRP A 10 -3.52 -10.92 8.87
CA TRP A 10 -4.89 -11.09 8.48
C TRP A 10 -5.47 -9.76 8.05
N ILE A 11 -6.09 -9.72 6.88
CA ILE A 11 -6.71 -8.49 6.41
C ILE A 11 -8.14 -8.76 5.99
N GLY A 12 -9.07 -8.13 6.70
CA GLY A 12 -10.46 -8.17 6.30
C GLY A 12 -10.74 -7.04 5.34
N VAL A 13 -11.56 -7.32 4.34
CA VAL A 13 -11.86 -6.30 3.35
C VAL A 13 -13.35 -6.12 3.21
N ILE A 14 -13.80 -4.87 3.21
CA ILE A 14 -15.22 -4.59 2.98
C ILE A 14 -15.34 -3.92 1.62
N SER A 15 -16.03 -4.58 0.69
CA SER A 15 -16.09 -4.08 -0.68
C SER A 15 -17.31 -4.62 -1.43
N LEU A 16 -17.91 -3.76 -2.24
CA LEU A 16 -18.96 -4.18 -3.16
C LEU A 16 -18.44 -5.07 -4.29
N PHE A 17 -17.12 -5.10 -4.50
CA PHE A 17 -16.57 -5.96 -5.56
C PHE A 17 -15.47 -6.86 -5.03
N PRO A 18 -15.83 -7.83 -4.19
CA PRO A 18 -14.81 -8.69 -3.59
C PRO A 18 -13.93 -9.40 -4.63
N GLU A 19 -14.47 -9.72 -5.81
CA GLU A 19 -13.72 -10.49 -6.80
C GLU A 19 -12.53 -9.71 -7.36
N MET A 20 -12.53 -8.38 -7.22
CA MET A 20 -11.39 -7.58 -7.63
C MET A 20 -10.13 -8.00 -6.89
N PHE A 21 -10.29 -8.47 -5.65
CA PHE A 21 -9.13 -8.74 -4.80
C PHE A 21 -8.37 -10.01 -5.20
N LYS A 22 -8.95 -10.75 -6.13
CA LYS A 22 -8.24 -11.84 -6.79
CA LYS A 22 -8.23 -11.85 -6.78
C LYS A 22 -6.93 -11.32 -7.40
N ALA A 23 -6.93 -10.06 -7.81
CA ALA A 23 -5.72 -9.49 -8.41
C ALA A 23 -4.53 -9.54 -7.44
N ILE A 24 -4.79 -9.45 -6.13
CA ILE A 24 -3.68 -9.56 -5.16
C ILE A 24 -3.58 -10.95 -4.52
N THR A 25 -4.68 -11.68 -4.41
CA THR A 25 -4.62 -12.99 -3.77
C THR A 25 -4.17 -14.12 -4.70
N GLU A 26 -4.14 -13.89 -6.01
CA GLU A 26 -3.85 -14.99 -6.92
C GLU A 26 -2.61 -14.74 -7.80
N PHE A 27 -1.90 -13.65 -7.56
CA PHE A 27 -0.77 -13.33 -8.43
C PHE A 27 0.41 -12.74 -7.67
N GLY A 28 1.60 -12.92 -8.22
CA GLY A 28 2.81 -12.28 -7.73
C GLY A 28 3.13 -12.61 -6.29
N VAL A 29 3.84 -11.69 -5.64
CA VAL A 29 4.29 -11.84 -4.26
C VAL A 29 3.15 -12.07 -3.27
N THR A 30 2.10 -11.25 -3.33
CA THR A 30 0.99 -11.43 -2.41
C THR A 30 0.29 -12.74 -2.69
N GLY A 31 0.25 -13.12 -3.97
CA GLY A 31 -0.35 -14.38 -4.35
C GLY A 31 0.38 -15.55 -3.70
N ARG A 32 1.71 -15.50 -3.74
CA ARG A 32 2.50 -16.54 -3.09
C ARG A 32 2.37 -16.47 -1.55
N ALA A 33 2.25 -15.26 -1.01
CA ALA A 33 2.05 -15.09 0.43
C ALA A 33 0.74 -15.71 0.92
N VAL A 34 -0.31 -15.62 0.12
CA VAL A 34 -1.59 -16.23 0.47
C VAL A 34 -1.50 -17.76 0.35
N LYS A 35 -0.89 -18.24 -0.74
CA LYS A 35 -0.76 -19.68 -0.96
C LYS A 35 0.09 -20.34 0.14
N HIS A 36 1.07 -19.61 0.67
CA HIS A 36 1.91 -20.19 1.71
C HIS A 36 1.40 -19.82 3.11
N ASN A 37 0.18 -19.32 3.15
CA ASN A 37 -0.53 -19.01 4.41
C ASN A 37 0.12 -17.95 5.28
N LEU A 38 0.91 -17.06 4.67
CA LEU A 38 1.52 -15.96 5.40
C LEU A 38 0.56 -14.78 5.46
N LEU A 39 -0.28 -14.67 4.43
CA LEU A 39 -1.26 -13.59 4.35
C LEU A 39 -2.64 -14.21 4.15
N LYS A 40 -3.62 -13.75 4.94
CA LYS A 40 -5.00 -14.16 4.71
C LYS A 40 -5.84 -12.92 4.42
N VAL A 41 -6.56 -12.94 3.29
CA VAL A 41 -7.40 -11.83 2.89
C VAL A 41 -8.84 -12.33 2.87
N GLU A 42 -9.68 -11.77 3.72
CA GLU A 42 -11.06 -12.20 3.80
C GLU A 42 -11.99 -11.03 3.47
N CYS A 43 -12.93 -11.24 2.54
CA CYS A 43 -13.79 -10.16 2.03
C CYS A 43 -15.25 -10.31 2.48
N TRP A 44 -15.89 -9.19 2.83
CA TRP A 44 -17.33 -9.19 3.09
C TRP A 44 -17.96 -8.16 2.19
N ASN A 45 -19.06 -8.54 1.54
CA ASN A 45 -19.71 -7.67 0.57
C ASN A 45 -20.99 -7.10 1.19
N PRO A 46 -21.07 -5.76 1.32
CA PRO A 46 -22.28 -5.14 1.88
C PRO A 46 -23.56 -5.61 1.17
N ARG A 47 -23.47 -5.97 -0.10
CA ARG A 47 -24.64 -6.53 -0.81
C ARG A 47 -25.25 -7.73 -0.08
N ASP A 48 -24.43 -8.47 0.66
CA ASP A 48 -24.92 -9.64 1.38
C ASP A 48 -25.54 -9.25 2.72
N PHE A 49 -25.57 -7.96 3.04
CA PHE A 49 -26.09 -7.53 4.34
C PHE A 49 -27.34 -6.68 4.19
N THR A 50 -27.95 -6.75 3.01
CA THR A 50 -29.19 -6.03 2.72
C THR A 50 -30.37 -6.91 3.04
N PHE A 51 -31.55 -6.29 3.17
CA PHE A 51 -32.75 -7.07 3.42
C PHE A 51 -33.88 -6.76 2.45
N ASP A 52 -33.62 -5.91 1.48
CA ASP A 52 -34.66 -5.66 0.48
C ASP A 52 -34.44 -6.59 -0.72
N LYS A 53 -35.49 -6.79 -1.50
CA LYS A 53 -35.45 -7.71 -2.64
C LYS A 53 -34.34 -7.41 -3.65
N HIS A 54 -34.05 -6.15 -3.91
CA HIS A 54 -33.06 -5.86 -4.92
C HIS A 54 -31.66 -5.58 -4.35
N LYS A 55 -31.44 -5.93 -3.08
CA LYS A 55 -30.14 -5.79 -2.44
C LYS A 55 -29.53 -4.42 -2.65
N THR A 56 -30.26 -3.40 -2.24
CA THR A 56 -29.83 -2.02 -2.45
C THR A 56 -28.68 -1.62 -1.52
N VAL A 57 -27.58 -1.14 -2.11
CA VAL A 57 -26.40 -0.78 -1.33
C VAL A 57 -26.01 0.69 -1.43
N ASP A 58 -26.78 1.45 -2.20
CA ASP A 58 -26.56 2.89 -2.24
C ASP A 58 -27.78 3.62 -1.68
N ASP A 59 -27.61 4.88 -1.31
CA ASP A 59 -28.69 5.67 -0.72
C ASP A 59 -28.47 7.12 -1.14
N ARG A 60 -29.50 7.95 -0.96
CA ARG A 60 -29.44 9.34 -1.38
C ARG A 60 -28.96 10.21 -0.23
N PRO A 61 -28.23 11.28 -0.54
CA PRO A 61 -27.70 12.19 0.49
C PRO A 61 -28.79 13.09 1.03
N TYR A 62 -28.79 13.36 2.34
CA TYR A 62 -29.67 14.39 2.86
C TYR A 62 -29.25 15.70 2.22
N GLY A 63 -30.22 16.54 1.85
CA GLY A 63 -29.90 17.76 1.15
C GLY A 63 -29.97 17.60 -0.36
N GLY A 64 -30.04 16.36 -0.84
CA GLY A 64 -30.31 16.09 -2.25
C GLY A 64 -29.12 16.18 -3.18
N GLY A 65 -29.40 16.11 -4.49
CA GLY A 65 -28.32 16.10 -5.47
C GLY A 65 -28.02 14.71 -6.00
N PRO A 66 -27.24 14.63 -7.09
CA PRO A 66 -26.96 13.36 -7.78
C PRO A 66 -25.90 12.48 -7.12
N GLY A 67 -25.18 13.01 -6.15
CA GLY A 67 -24.10 12.27 -5.52
C GLY A 67 -24.56 11.18 -4.57
N MET A 68 -24.71 9.95 -5.07
CA MET A 68 -25.15 8.86 -4.23
C MET A 68 -24.10 8.48 -3.21
N LEU A 69 -24.55 7.85 -2.12
CA LEU A 69 -23.66 7.41 -1.06
C LEU A 69 -23.87 5.95 -0.82
N MET A 70 -22.94 5.33 -0.12
CA MET A 70 -23.13 3.96 0.30
C MET A 70 -24.21 3.94 1.35
N MET A 71 -25.11 2.98 1.23
CA MET A 71 -26.17 2.85 2.22
C MET A 71 -25.55 2.46 3.56
N VAL A 72 -25.96 3.15 4.62
CA VAL A 72 -25.32 2.98 5.92
C VAL A 72 -25.47 1.58 6.52
N GLN A 73 -26.68 1.05 6.53
CA GLN A 73 -26.96 -0.17 7.28
C GLN A 73 -26.21 -1.40 6.70
N PRO A 74 -26.25 -1.63 5.37
CA PRO A 74 -25.47 -2.79 4.90
C PRO A 74 -23.97 -2.63 5.11
N LEU A 75 -23.44 -1.42 4.91
CA LEU A 75 -22.00 -1.17 5.11
C LEU A 75 -21.59 -1.38 6.58
N ARG A 76 -22.32 -0.74 7.48
CA ARG A 76 -22.08 -0.89 8.92
CA ARG A 76 -22.13 -0.89 8.92
C ARG A 76 -22.14 -2.36 9.36
N ASP A 77 -23.12 -3.10 8.86
CA ASP A 77 -23.27 -4.48 9.30
C ASP A 77 -22.15 -5.38 8.74
N ALA A 78 -21.69 -5.11 7.52
CA ALA A 78 -20.52 -5.82 6.97
C ALA A 78 -19.31 -5.53 7.87
N ILE A 79 -19.09 -4.26 8.19
CA ILE A 79 -18.01 -3.89 9.09
C ILE A 79 -18.10 -4.60 10.46
N HIS A 80 -19.30 -4.62 11.06
CA HIS A 80 -19.48 -5.32 12.32
C HIS A 80 -19.15 -6.81 12.19
N THR A 81 -19.52 -7.43 11.07
CA THR A 81 -19.19 -8.85 10.89
C THR A 81 -17.67 -9.10 10.73
N ALA A 82 -16.99 -8.19 10.04
CA ALA A 82 -15.53 -8.28 9.91
C ALA A 82 -14.89 -8.13 11.29
N LYS A 83 -15.42 -7.21 12.11
CA LYS A 83 -14.86 -7.00 13.45
C LYS A 83 -15.03 -8.24 14.29
N ALA A 84 -16.17 -8.91 14.13
CA ALA A 84 -16.44 -10.12 14.89
C ALA A 84 -15.48 -11.22 14.45
N ALA A 85 -15.24 -11.34 13.15
CA ALA A 85 -14.34 -12.37 12.66
C ALA A 85 -12.90 -12.08 13.09
N ALA A 86 -12.52 -10.81 13.04
CA ALA A 86 -11.18 -10.37 13.46
C ALA A 86 -10.87 -10.68 14.93
N GLY A 87 -11.85 -10.48 15.79
CA GLY A 87 -11.61 -10.57 17.22
C GLY A 87 -11.04 -9.24 17.69
N GLU A 88 -10.40 -9.24 18.85
CA GLU A 88 -9.92 -8.00 19.46
C GLU A 88 -8.68 -7.46 18.75
N GLY A 89 -8.57 -6.13 18.71
CA GLY A 89 -7.36 -5.48 18.23
C GLY A 89 -7.22 -5.19 16.73
N ALA A 90 -8.27 -5.46 15.95
CA ALA A 90 -8.22 -5.11 14.52
C ALA A 90 -8.40 -3.61 14.34
N LYS A 91 -7.58 -3.01 13.48
CA LYS A 91 -7.63 -1.59 13.19
C LYS A 91 -8.43 -1.38 11.90
N VAL A 92 -9.42 -0.50 11.95
CA VAL A 92 -10.30 -0.31 10.81
C VAL A 92 -9.92 0.95 10.05
N ILE A 93 -9.55 0.72 8.79
CA ILE A 93 -9.02 1.72 7.90
C ILE A 93 -10.02 2.02 6.82
N TYR A 94 -10.36 3.28 6.65
CA TYR A 94 -11.16 3.67 5.50
C TYR A 94 -10.24 4.23 4.43
N LEU A 95 -10.18 3.58 3.26
CA LEU A 95 -9.42 4.13 2.14
C LEU A 95 -10.17 5.35 1.62
N SER A 96 -9.56 6.54 1.71
CA SER A 96 -10.32 7.73 1.40
C SER A 96 -9.45 8.90 0.98
N PRO A 97 -9.92 9.70 0.01
CA PRO A 97 -9.15 10.83 -0.52
C PRO A 97 -8.94 11.93 0.53
N GLN A 98 -9.69 11.91 1.64
CA GLN A 98 -9.54 12.89 2.71
CA GLN A 98 -9.53 12.90 2.72
C GLN A 98 -8.63 12.34 3.82
N GLY A 99 -8.02 11.19 3.57
CA GLY A 99 -7.17 10.57 4.57
C GLY A 99 -5.76 11.10 4.63
N ARG A 100 -5.00 10.63 5.62
CA ARG A 100 -3.56 10.88 5.67
C ARG A 100 -2.89 10.31 4.42
N LYS A 101 -1.99 11.08 3.85
CA LYS A 101 -1.30 10.64 2.64
C LYS A 101 -0.36 9.47 2.96
N LEU A 102 -0.58 8.35 2.27
CA LEU A 102 0.28 7.18 2.44
C LEU A 102 1.71 7.42 1.92
N ASP A 103 2.70 7.10 2.74
CA ASP A 103 4.09 7.08 2.29
C ASP A 103 4.74 5.90 2.99
N GLN A 104 6.03 5.68 2.79
CA GLN A 104 6.62 4.43 3.26
C GLN A 104 6.65 4.39 4.80
N GLY A 105 6.85 5.55 5.44
CA GLY A 105 6.71 5.65 6.88
C GLY A 105 5.33 5.20 7.34
N GLY A 106 4.30 5.64 6.63
CA GLY A 106 2.93 5.24 6.89
C GLY A 106 2.68 3.75 6.70
N VAL A 107 3.23 3.18 5.62
CA VAL A 107 3.12 1.74 5.40
C VAL A 107 3.73 0.96 6.57
N THR A 108 4.90 1.40 7.01
CA THR A 108 5.63 0.76 8.10
C THR A 108 4.77 0.73 9.37
N GLU A 109 4.16 1.87 9.67
CA GLU A 109 3.20 1.99 10.77
C GLU A 109 2.05 1.01 10.66
N LEU A 110 1.41 0.98 9.49
CA LEU A 110 0.26 0.12 9.27
C LEU A 110 0.64 -1.34 9.37
N ALA A 111 1.85 -1.66 8.91
CA ALA A 111 2.31 -3.04 8.87
C ALA A 111 2.62 -3.60 10.27
N GLN A 112 2.60 -2.74 11.28
CA GLN A 112 2.78 -3.22 12.65
C GLN A 112 1.48 -3.85 13.18
N ASN A 113 0.41 -3.79 12.40
CA ASN A 113 -0.84 -4.42 12.82
C ASN A 113 -0.97 -5.84 12.28
N GLN A 114 -1.29 -6.79 13.16
CA GLN A 114 -1.47 -8.17 12.73
C GLN A 114 -2.82 -8.35 12.04
N LYS A 115 -3.77 -7.51 12.43
CA LYS A 115 -5.14 -7.55 11.91
C LYS A 115 -5.56 -6.18 11.40
N LEU A 116 -5.93 -6.10 10.13
CA LEU A 116 -6.46 -4.87 9.56
C LEU A 116 -7.82 -5.14 8.96
N ILE A 117 -8.70 -4.15 9.05
CA ILE A 117 -9.92 -4.20 8.27
C ILE A 117 -9.93 -2.98 7.33
N LEU A 118 -10.06 -3.25 6.04
CA LEU A 118 -10.03 -2.20 5.03
C LEU A 118 -11.42 -2.01 4.44
N VAL A 119 -11.90 -0.77 4.52
CA VAL A 119 -13.21 -0.38 4.01
C VAL A 119 -13.05 0.38 2.71
N CYS A 120 -13.63 -0.15 1.63
CA CYS A 120 -13.51 0.48 0.32
C CYS A 120 -14.78 1.24 -0.06
N GLY A 121 -14.67 2.53 -0.33
CA GLY A 121 -15.84 3.30 -0.71
C GLY A 121 -16.20 3.16 -2.19
N ARG A 122 -17.51 3.26 -2.47
CA ARG A 122 -18.01 3.45 -3.85
C ARG A 122 -18.95 4.66 -3.83
N TYR A 123 -19.49 5.02 -4.99
CA TYR A 123 -20.34 6.20 -5.15
C TYR A 123 -19.58 7.43 -4.65
N GLU A 124 -20.20 8.30 -3.84
CA GLU A 124 -19.46 9.47 -3.34
C GLU A 124 -18.85 9.23 -1.97
N GLY A 125 -18.98 8.01 -1.47
CA GLY A 125 -18.33 7.65 -0.22
C GLY A 125 -19.31 7.21 0.85
N ILE A 126 -18.93 7.42 2.11
CA ILE A 126 -19.71 6.90 3.21
C ILE A 126 -20.17 8.03 4.12
N ASP A 127 -21.22 7.75 4.90
CA ASP A 127 -21.76 8.70 5.87
C ASP A 127 -20.67 9.12 6.85
N GLU A 128 -20.52 10.42 7.04
CA GLU A 128 -19.54 11.00 7.96
C GLU A 128 -19.61 10.43 9.38
N ARG A 129 -20.81 10.09 9.87
CA ARG A 129 -20.95 9.54 11.21
C ARG A 129 -20.38 8.13 11.33
N LEU A 130 -20.30 7.42 10.20
CA LEU A 130 -19.74 6.07 10.21
C LEU A 130 -18.26 6.14 10.42
N ILE A 131 -17.66 7.20 9.89
CA ILE A 131 -16.25 7.44 10.12
C ILE A 131 -16.02 7.61 11.61
N GLN A 132 -16.88 8.39 12.26
CA GLN A 132 -16.76 8.59 13.70
CA GLN A 132 -16.76 8.59 13.70
C GLN A 132 -17.04 7.31 14.49
N THR A 133 -18.05 6.56 14.09
CA THR A 133 -18.46 5.39 14.90
C THR A 133 -17.75 4.08 14.56
N GLU A 134 -17.19 3.93 13.35
CA GLU A 134 -16.64 2.63 12.97
C GLU A 134 -15.20 2.68 12.48
N ILE A 135 -14.75 3.85 12.05
CA ILE A 135 -13.43 3.94 11.39
C ILE A 135 -12.38 4.39 12.39
N ASP A 136 -11.22 3.73 12.40
CA ASP A 136 -10.12 4.15 13.25
C ASP A 136 -9.22 5.18 12.55
N GLU A 137 -8.83 4.91 11.30
CA GLU A 137 -7.96 5.81 10.55
C GLU A 137 -8.40 5.94 9.09
N GLU A 138 -8.19 7.12 8.51
CA GLU A 138 -8.38 7.30 7.08
C GLU A 138 -7.02 7.49 6.41
N TRP A 139 -6.82 6.79 5.29
CA TRP A 139 -5.57 6.82 4.55
C TRP A 139 -5.86 6.97 3.06
N SER A 140 -5.00 7.73 2.38
CA SER A 140 -5.11 7.96 0.94
C SER A 140 -3.81 7.59 0.23
N ILE A 141 -3.92 6.91 -0.91
CA ILE A 141 -2.71 6.58 -1.68
C ILE A 141 -2.25 7.72 -2.59
N GLY A 142 -3.08 8.74 -2.79
CA GLY A 142 -2.67 9.86 -3.62
C GLY A 142 -3.77 10.86 -3.92
N ASP A 143 -3.40 12.00 -4.49
CA ASP A 143 -4.35 13.07 -4.79
C ASP A 143 -4.85 13.03 -6.24
N TYR A 144 -5.72 12.08 -6.50
CA TYR A 144 -6.33 11.97 -7.82
C TYR A 144 -7.71 11.37 -7.63
N VAL A 145 -8.58 11.53 -8.61
CA VAL A 145 -9.98 11.10 -8.46
C VAL A 145 -10.14 9.68 -8.99
N LEU A 146 -10.63 8.78 -8.14
CA LEU A 146 -10.86 7.38 -8.53
C LEU A 146 -12.35 7.05 -8.49
N THR A 147 -12.73 5.84 -8.94
CA THR A 147 -14.15 5.47 -8.85
C THR A 147 -14.43 4.52 -7.70
N GLY A 148 -13.41 4.15 -6.93
CA GLY A 148 -13.62 3.23 -5.83
C GLY A 148 -12.37 3.11 -4.99
N GLY A 149 -12.52 2.63 -3.76
CA GLY A 149 -11.37 2.47 -2.88
C GLY A 149 -10.71 1.12 -2.97
N GLU A 150 -11.19 0.24 -3.86
CA GLU A 150 -10.62 -1.11 -3.99
C GLU A 150 -9.15 -1.11 -4.48
N LEU A 151 -8.82 -0.35 -5.51
CA LEU A 151 -7.42 -0.28 -5.97
C LEU A 151 -6.53 0.31 -4.86
N PRO A 152 -6.98 1.40 -4.21
CA PRO A 152 -6.15 1.85 -3.07
C PRO A 152 -5.95 0.77 -1.99
N ALA A 153 -6.99 0.00 -1.69
CA ALA A 153 -6.87 -1.03 -0.65
C ALA A 153 -5.88 -2.09 -1.08
N MET A 154 -5.95 -2.47 -2.35
CA MET A 154 -5.04 -3.49 -2.85
C MET A 154 -3.60 -3.00 -2.89
N THR A 155 -3.43 -1.72 -3.20
CA THR A 155 -2.12 -1.06 -3.17
C THR A 155 -1.55 -1.11 -1.75
N LEU A 156 -2.39 -0.80 -0.78
CA LEU A 156 -1.99 -0.83 0.62
C LEU A 156 -1.64 -2.24 1.05
N ILE A 157 -2.42 -3.23 0.61
CA ILE A 157 -2.13 -4.62 0.97
C ILE A 157 -0.78 -5.05 0.37
N ASP A 158 -0.60 -4.75 -0.90
CA ASP A 158 0.69 -5.04 -1.55
C ASP A 158 1.86 -4.41 -0.75
N ALA A 159 1.71 -3.15 -0.36
CA ALA A 159 2.77 -2.45 0.37
C ALA A 159 3.04 -3.06 1.75
N VAL A 160 2.01 -3.40 2.52
CA VAL A 160 2.30 -3.93 3.85
C VAL A 160 2.68 -5.41 3.84
N ALA A 161 2.28 -6.15 2.81
CA ALA A 161 2.59 -7.59 2.74
C ALA A 161 4.10 -7.85 2.69
N ARG A 162 4.85 -6.88 2.21
CA ARG A 162 6.31 -6.97 2.18
C ARG A 162 6.93 -7.08 3.60
N PHE A 163 6.16 -6.68 4.60
CA PHE A 163 6.63 -6.68 5.99
C PHE A 163 6.28 -7.97 6.73
N ILE A 164 5.53 -8.85 6.08
CA ILE A 164 5.16 -10.11 6.73
C ILE A 164 6.36 -11.04 6.83
N PRO A 165 6.63 -11.56 8.03
CA PRO A 165 7.73 -12.53 8.13
C PRO A 165 7.46 -13.75 7.25
N GLY A 166 8.46 -14.17 6.49
CA GLY A 166 8.32 -15.29 5.59
C GLY A 166 8.22 -14.83 4.15
N VAL A 167 7.88 -13.56 3.96
CA VAL A 167 7.90 -12.95 2.63
C VAL A 167 9.27 -12.31 2.43
N LEU A 168 10.03 -12.93 1.50
CA LEU A 168 11.44 -12.66 1.19
CA LEU A 168 11.44 -12.66 1.19
C LEU A 168 12.34 -13.53 2.07
N GLY A 169 11.77 -14.08 3.13
CA GLY A 169 12.49 -14.98 4.01
C GLY A 169 12.60 -16.38 3.41
N PHE A 179 16.67 2.32 6.22
CA PHE A 179 15.75 3.07 5.36
C PHE A 179 16.42 3.49 4.06
N ALA A 180 17.71 3.20 3.93
CA ALA A 180 18.46 3.55 2.73
C ALA A 180 17.84 2.87 1.51
N ASP A 181 17.16 1.76 1.74
CA ASP A 181 16.44 1.04 0.68
C ASP A 181 15.24 1.85 0.20
N GLY A 182 14.77 2.76 1.07
CA GLY A 182 13.68 3.66 0.75
C GLY A 182 14.02 4.84 -0.17
N LEU A 183 15.30 5.05 -0.46
CA LEU A 183 15.71 6.02 -1.49
C LEU A 183 15.37 5.49 -2.87
N LEU A 184 15.27 6.38 -3.87
CA LEU A 184 15.10 5.90 -5.25
C LEU A 184 16.27 5.02 -5.66
N ASP A 185 15.98 4.04 -6.52
CA ASP A 185 16.98 3.10 -6.99
C ASP A 185 18.01 3.81 -7.86
N CYS A 186 19.21 3.26 -7.89
CA CYS A 186 20.17 3.62 -8.93
C CYS A 186 19.66 3.12 -10.29
N PRO A 187 20.15 3.71 -11.39
CA PRO A 187 19.81 3.12 -12.70
C PRO A 187 20.23 1.65 -12.74
N HIS A 188 19.36 0.81 -13.30
CA HIS A 188 19.61 -0.62 -13.41
C HIS A 188 20.01 -0.98 -14.84
N TYR A 189 20.97 -1.90 -14.98
CA TYR A 189 21.43 -2.36 -16.28
C TYR A 189 21.52 -3.89 -16.33
N THR A 190 21.02 -4.51 -17.40
CA THR A 190 21.15 -5.96 -17.58
C THR A 190 21.53 -6.23 -19.05
N ARG A 191 21.63 -7.49 -19.46
CA ARG A 191 22.03 -7.80 -20.87
C ARG A 191 21.06 -7.13 -21.84
N PRO A 192 21.55 -6.71 -23.03
CA PRO A 192 22.90 -6.88 -23.60
C PRO A 192 23.87 -5.75 -23.20
N GLU A 193 25.15 -5.95 -23.46
CA GLU A 193 26.17 -4.96 -23.08
C GLU A 193 25.93 -3.63 -23.80
N VAL A 194 25.44 -3.74 -25.03
CA VAL A 194 25.14 -2.59 -25.86
C VAL A 194 23.74 -2.75 -26.43
N LEU A 195 22.87 -1.80 -26.11
CA LEU A 195 21.45 -1.90 -26.46
C LEU A 195 21.10 -0.72 -27.36
N GLU A 196 20.88 -1.02 -28.64
CA GLU A 196 20.68 -0.01 -29.66
C GLU A 196 21.74 1.07 -29.58
N GLY A 197 22.99 0.65 -29.42
CA GLY A 197 24.12 1.55 -29.41
C GLY A 197 24.46 2.10 -28.04
N LEU A 198 23.54 1.94 -27.10
CA LEU A 198 23.74 2.47 -25.74
C LEU A 198 24.47 1.46 -24.86
N THR A 199 25.58 1.89 -24.27
CA THR A 199 26.42 0.96 -23.50
C THR A 199 26.19 1.03 -21.98
N VAL A 200 26.48 -0.08 -21.31
CA VAL A 200 26.45 -0.12 -19.85
C VAL A 200 27.61 0.72 -19.29
N PRO A 201 27.38 1.49 -18.22
CA PRO A 201 28.51 2.17 -17.57
C PRO A 201 29.65 1.19 -17.26
N PRO A 202 30.87 1.46 -17.74
CA PRO A 202 31.99 0.52 -17.61
C PRO A 202 32.19 -0.06 -16.21
N VAL A 203 32.05 0.77 -15.18
CA VAL A 203 32.28 0.32 -13.82
C VAL A 203 31.43 -0.92 -13.51
N LEU A 204 30.22 -0.95 -14.04
CA LEU A 204 29.29 -2.06 -13.77
C LEU A 204 29.76 -3.37 -14.39
N MET A 205 30.56 -3.29 -15.45
CA MET A 205 31.07 -4.51 -16.07
C MET A 205 32.52 -4.75 -15.73
N SER A 206 33.01 -4.04 -14.71
CA SER A 206 34.42 -4.09 -14.33
C SER A 206 34.75 -5.26 -13.40
N GLY A 207 33.78 -5.73 -12.64
CA GLY A 207 34.03 -6.74 -11.63
C GLY A 207 34.66 -6.18 -10.37
N HIS A 208 34.78 -4.85 -10.29
CA HIS A 208 35.31 -4.20 -9.09
C HIS A 208 34.14 -3.88 -8.17
N HIS A 209 33.82 -4.81 -7.28
CA HIS A 209 32.54 -4.74 -6.60
C HIS A 209 32.52 -3.59 -5.59
N GLU A 210 33.67 -3.17 -5.10
CA GLU A 210 33.72 -2.01 -4.21
C GLU A 210 33.44 -0.72 -4.98
N GLU A 211 33.98 -0.61 -6.20
CA GLU A 211 33.65 0.53 -7.06
C GLU A 211 32.19 0.54 -7.46
N ILE A 212 31.67 -0.64 -7.75
CA ILE A 212 30.26 -0.81 -8.14
C ILE A 212 29.33 -0.37 -7.03
N ARG A 213 29.65 -0.77 -5.81
CA ARG A 213 28.85 -0.40 -4.63
C ARG A 213 28.76 1.11 -4.45
N LYS A 214 29.90 1.78 -4.56
CA LYS A 214 29.97 3.24 -4.43
C LYS A 214 29.23 3.94 -5.56
N TRP A 215 29.42 3.44 -6.76
CA TRP A 215 28.74 4.01 -7.91
C TRP A 215 27.21 3.92 -7.77
N ARG A 216 26.71 2.77 -7.35
CA ARG A 216 25.27 2.57 -7.23
C ARG A 216 24.68 3.46 -6.16
N LEU A 217 25.40 3.61 -5.05
CA LEU A 217 24.92 4.43 -3.95
C LEU A 217 24.87 5.89 -4.37
N LYS A 218 25.92 6.33 -5.05
CA LYS A 218 26.01 7.71 -5.52
C LYS A 218 24.86 8.06 -6.47
N GLN A 219 24.60 7.16 -7.41
CA GLN A 219 23.53 7.34 -8.40
C GLN A 219 22.15 7.35 -7.76
N SER A 220 21.95 6.48 -6.79
CA SER A 220 20.70 6.46 -6.03
C SER A 220 20.49 7.80 -5.29
N LEU A 221 21.55 8.33 -4.69
CA LEU A 221 21.44 9.59 -3.96
C LEU A 221 21.14 10.77 -4.90
N GLN A 222 21.87 10.85 -6.01
CA GLN A 222 21.67 11.92 -6.98
C GLN A 222 20.24 11.91 -7.51
N ARG A 223 19.76 10.72 -7.87
CA ARG A 223 18.43 10.58 -8.43
C ARG A 223 17.33 10.95 -7.42
N THR A 224 17.51 10.55 -6.15
CA THR A 224 16.60 10.96 -5.09
C THR A 224 16.62 12.49 -4.98
N TRP A 225 17.82 13.05 -5.02
CA TRP A 225 17.99 14.50 -4.94
C TRP A 225 17.25 15.24 -6.06
N LEU A 226 17.39 14.75 -7.29
CA LEU A 226 16.79 15.40 -8.44
C LEU A 226 15.28 15.16 -8.59
N ARG A 227 14.79 13.98 -8.21
CA ARG A 227 13.40 13.64 -8.51
C ARG A 227 12.46 13.56 -7.30
N ARG A 228 13.02 13.31 -6.12
CA ARG A 228 12.23 13.28 -4.89
C ARG A 228 12.97 13.86 -3.70
N PRO A 229 13.42 15.12 -3.79
CA PRO A 229 14.25 15.67 -2.70
C PRO A 229 13.56 15.61 -1.34
N GLU A 230 12.22 15.55 -1.34
CA GLU A 230 11.48 15.53 -0.09
C GLU A 230 11.84 14.30 0.74
N LEU A 231 12.18 13.20 0.06
CA LEU A 231 12.57 11.97 0.75
C LEU A 231 13.83 12.14 1.60
N LEU A 232 14.70 13.06 1.23
CA LEU A 232 15.93 13.31 1.99
C LEU A 232 15.67 14.14 3.25
N GLU A 233 14.56 14.86 3.28
CA GLU A 233 14.27 15.76 4.39
C GLU A 233 14.01 15.00 5.71
N GLY A 234 13.72 13.71 5.65
CA GLY A 234 13.38 12.96 6.85
C GLY A 234 14.50 12.04 7.33
N LEU A 235 15.69 12.25 6.79
CA LEU A 235 16.83 11.35 7.03
C LEU A 235 18.08 12.11 7.40
N ALA A 236 18.85 11.57 8.34
CA ALA A 236 20.18 12.06 8.56
C ALA A 236 21.14 11.05 7.93
N LEU A 237 21.61 11.36 6.72
CA LEU A 237 22.44 10.44 5.91
C LEU A 237 23.74 10.05 6.59
N THR A 238 24.30 8.92 6.18
CA THR A 238 25.60 8.49 6.69
C THR A 238 26.71 9.37 6.12
N ASP A 239 27.90 9.30 6.71
CA ASP A 239 29.04 10.07 6.24
C ASP A 239 29.34 9.73 4.76
N GLU A 240 29.36 8.45 4.44
CA GLU A 240 29.60 8.06 3.05
C GLU A 240 28.53 8.65 2.14
N GLN A 241 27.26 8.53 2.53
CA GLN A 241 26.18 9.06 1.69
C GLN A 241 26.26 10.57 1.51
N ARG A 242 26.59 11.30 2.57
CA ARG A 242 26.74 12.74 2.46
C ARG A 242 27.91 13.09 1.54
N LYS A 243 28.99 12.32 1.63
CA LYS A 243 30.16 12.56 0.78
C LYS A 243 29.82 12.34 -0.68
N LEU A 244 29.15 11.23 -0.96
CA LEU A 244 28.81 10.88 -2.35
C LEU A 244 27.76 11.83 -2.92
N LEU A 245 26.80 12.23 -2.09
CA LEU A 245 25.76 13.15 -2.56
C LEU A 245 26.39 14.51 -2.89
N LYS A 246 27.28 15.00 -2.03
CA LYS A 246 27.96 16.27 -2.27
C LYS A 246 28.72 16.25 -3.60
N GLU A 247 29.38 15.13 -3.88
CA GLU A 247 30.11 14.94 -5.13
C GLU A 247 29.17 14.97 -6.33
N ALA A 248 28.02 14.31 -6.22
CA ALA A 248 27.09 14.26 -7.33
C ALA A 248 26.48 15.63 -7.57
N GLN A 249 26.22 16.36 -6.49
CA GLN A 249 25.64 17.69 -6.61
C GLN A 249 26.60 18.67 -7.28
N ALA A 250 27.89 18.57 -6.93
CA ALA A 250 28.89 19.45 -7.53
C ALA A 250 29.08 19.11 -9.00
N GLU A 251 29.11 17.82 -9.30
CA GLU A 251 29.35 17.36 -10.66
C GLU A 251 28.15 17.64 -11.56
N HIS A 252 27.03 18.01 -10.94
CA HIS A 252 25.82 18.35 -11.69
C HIS A 252 25.83 19.84 -12.03
N ASN A 253 27.02 20.38 -12.27
CA ASN A 253 27.18 21.76 -12.68
C ASN A 253 28.50 21.99 -13.41
#